data_5JZS
#
_entry.id   5JZS
#
_cell.length_a   81.920
_cell.length_b   82.270
_cell.length_c   195.130
_cell.angle_alpha   90.000
_cell.angle_beta   90.000
_cell.angle_gamma   90.000
#
_symmetry.space_group_name_H-M   'I 21 21 21'
#
loop_
_entity.id
_entity.type
_entity.pdbx_description
1 polymer '2-hydroxy-6-oxo-6-phenylhexa-2,4-dienoate hydrolase BphD'
2 non-polymer '3,5-dichloro-4-hydroxybenzoic acid'
3 water water
#
_entity_poly.entity_id   1
_entity_poly.type   'polypeptide(L)'
_entity_poly.pdbx_seq_one_letter_code
;LTFESTSRFAEVDVDGPLKLHYHEAGVGNDQTVVLLHGGGPGAASWTNFSRNIAVLARHFHVLAVDQPGYGHSDKRAEHG
QFNRYAAMALKGLFDQLGLGRVPLVGNSLGGGTAVRFALDYPARAGRLVLMGPGGLSINLFAPDPTEGVKRLSKFSVAPT
RENLEAFLRVMVYDKNLITPELVDQRFALASTPESLTATRAMGKSFAGADFEAGMMWREVYRLRQPVLLIWGREDRVNPL
DGALVALKTIPRAQLHVFGQCGHWVQVEKFDEFNKLTIEFLGGG
;
_entity_poly.pdbx_strand_id   A,B
#
# COMPACT_ATOMS: atom_id res chain seq x y z
N LEU A 1 -25.62 30.19 4.56
CA LEU A 1 -24.49 29.58 3.84
C LEU A 1 -24.86 28.26 3.18
N THR A 2 -25.25 28.32 1.91
CA THR A 2 -25.63 27.11 1.18
C THR A 2 -24.95 27.14 -0.17
N PHE A 3 -25.10 26.03 -0.90
CA PHE A 3 -24.57 25.91 -2.25
C PHE A 3 -25.05 27.08 -3.09
N GLU A 4 -26.35 27.34 -3.02
CA GLU A 4 -26.96 28.35 -3.87
C GLU A 4 -26.57 29.78 -3.50
N SER A 5 -26.54 30.10 -2.20
CA SER A 5 -26.20 31.47 -1.79
C SER A 5 -24.74 31.82 -2.08
N THR A 6 -23.86 30.81 -2.04
CA THR A 6 -22.43 31.07 -2.21
C THR A 6 -21.97 30.91 -3.66
N SER A 7 -22.82 30.37 -4.52
CA SER A 7 -22.46 30.10 -5.92
C SER A 7 -22.11 31.35 -6.77
N ARG A 8 -21.03 31.26 -7.55
CA ARG A 8 -20.59 32.36 -8.41
C ARG A 8 -20.00 31.78 -9.69
N PHE A 9 -19.86 32.60 -10.72
CA PHE A 9 -19.15 32.18 -11.92
C PHE A 9 -18.14 33.23 -12.37
N ALA A 10 -17.17 32.82 -13.17
CA ALA A 10 -16.24 33.78 -13.75
C ALA A 10 -15.72 33.19 -15.04
N GLU A 11 -15.32 34.04 -15.97
CA GLU A 11 -14.79 33.57 -17.24
C GLU A 11 -13.36 34.01 -17.32
N VAL A 12 -12.47 33.05 -17.49
CA VAL A 12 -11.06 33.39 -17.56
C VAL A 12 -10.56 32.89 -18.91
N ASP A 13 -9.34 33.26 -19.29
CA ASP A 13 -8.78 32.84 -20.58
C ASP A 13 -7.62 31.88 -20.40
N VAL A 14 -7.87 30.62 -20.73
CA VAL A 14 -6.83 29.59 -20.83
C VAL A 14 -7.04 28.91 -22.17
N ASP A 15 -6.22 29.30 -23.15
CA ASP A 15 -6.44 28.94 -24.57
C ASP A 15 -7.89 29.17 -25.01
N GLY A 16 -8.47 30.30 -24.60
CA GLY A 16 -9.85 30.58 -24.91
C GLY A 16 -10.69 30.72 -23.66
N PRO A 17 -11.95 31.11 -23.81
CA PRO A 17 -12.87 31.24 -22.67
C PRO A 17 -12.94 29.93 -21.87
N LEU A 18 -12.93 30.05 -20.55
CA LEU A 18 -13.10 28.91 -19.66
C LEU A 18 -13.97 29.38 -18.51
N LYS A 19 -15.04 28.65 -18.26
CA LYS A 19 -15.98 29.02 -17.22
C LYS A 19 -15.57 28.33 -15.93
N LEU A 20 -15.33 29.12 -14.87
CA LEU A 20 -15.04 28.56 -13.56
C LEU A 20 -16.21 28.78 -12.64
N HIS A 21 -16.69 27.69 -12.03
CA HIS A 21 -17.67 27.83 -10.97
C HIS A 21 -16.93 27.98 -9.65
N TYR A 22 -17.50 28.71 -8.71
CA TYR A 22 -16.92 28.77 -7.38
C TYR A 22 -17.88 29.23 -6.29
N HIS A 23 -17.47 29.01 -5.05
CA HIS A 23 -18.29 29.44 -3.94
C HIS A 23 -17.57 30.56 -3.18
N GLU A 24 -18.30 31.62 -2.85
CA GLU A 24 -17.74 32.76 -2.11
C GLU A 24 -18.44 32.92 -0.77
N ALA A 25 -17.67 33.10 0.30
CA ALA A 25 -18.25 33.28 1.62
C ALA A 25 -17.34 34.13 2.49
N GLY A 26 -17.88 34.59 3.63
CA GLY A 26 -17.16 35.49 4.52
C GLY A 26 -16.63 36.75 3.85
N VAL A 27 -17.48 37.44 3.09
CA VAL A 27 -17.06 38.59 2.30
C VAL A 27 -16.61 39.82 3.12
N GLY A 28 -17.14 39.99 4.32
CA GLY A 28 -16.70 41.08 5.18
C GLY A 28 -15.29 40.91 5.77
N ASN A 29 -14.69 39.73 5.57
CA ASN A 29 -13.40 39.43 6.20
C ASN A 29 -12.19 39.90 5.38
N ASP A 30 -11.07 40.11 6.08
CA ASP A 30 -9.87 40.74 5.54
C ASP A 30 -8.96 39.81 4.74
N GLN A 31 -8.64 38.65 5.32
CA GLN A 31 -7.71 37.72 4.70
C GLN A 31 -8.44 36.80 3.73
N THR A 32 -7.96 36.75 2.49
CA THR A 32 -8.58 35.93 1.45
C THR A 32 -7.90 34.55 1.41
N VAL A 33 -8.70 33.49 1.36
CA VAL A 33 -8.16 32.14 1.30
C VAL A 33 -8.85 31.31 0.21
N VAL A 34 -8.04 30.66 -0.62
CA VAL A 34 -8.56 29.82 -1.68
C VAL A 34 -8.51 28.33 -1.33
N LEU A 35 -9.67 27.66 -1.39
CA LEU A 35 -9.76 26.22 -1.23
C LEU A 35 -9.82 25.48 -2.59
N LEU A 36 -8.97 24.46 -2.75
CA LEU A 36 -8.91 23.63 -3.97
C LEU A 36 -9.19 22.16 -3.65
N HIS A 37 -10.28 21.61 -4.19
CA HIS A 37 -10.80 20.30 -3.81
C HIS A 37 -10.03 19.14 -4.42
N GLY A 38 -10.27 17.93 -3.90
CA GLY A 38 -9.67 16.71 -4.41
C GLY A 38 -10.33 16.22 -5.68
N GLY A 39 -9.76 15.20 -6.33
CA GLY A 39 -10.16 14.91 -7.69
C GLY A 39 -10.81 13.56 -7.95
N GLY A 40 -11.69 13.11 -7.05
CA GLY A 40 -12.45 11.92 -7.33
C GLY A 40 -13.55 12.11 -8.39
N PRO A 41 -14.20 11.00 -8.77
CA PRO A 41 -15.35 11.14 -9.69
C PRO A 41 -16.53 11.77 -8.97
N GLY A 42 -17.05 12.87 -9.51
CA GLY A 42 -18.19 13.55 -8.91
C GLY A 42 -17.75 14.52 -7.84
N ALA A 43 -16.45 14.74 -7.72
CA ALA A 43 -15.94 15.63 -6.69
C ALA A 43 -16.20 17.09 -7.09
N ALA A 44 -16.46 17.93 -6.08
CA ALA A 44 -16.61 19.38 -6.29
C ALA A 44 -16.29 20.12 -4.98
N SER A 45 -16.17 21.44 -5.03
CA SER A 45 -15.82 22.23 -3.87
C SER A 45 -16.75 22.04 -2.69
N TRP A 46 -18.04 22.09 -2.96
CA TRP A 46 -19.01 22.08 -1.88
C TRP A 46 -19.03 20.79 -1.08
N THR A 47 -19.02 19.65 -1.78
CA THR A 47 -19.09 18.38 -1.05
C THR A 47 -17.77 18.07 -0.34
N ASN A 48 -16.66 18.51 -0.95
CA ASN A 48 -15.33 18.36 -0.37
C ASN A 48 -15.19 19.17 0.91
N PHE A 49 -15.63 20.42 0.88
CA PHE A 49 -15.32 21.33 1.96
C PHE A 49 -16.51 21.73 2.83
N SER A 50 -17.56 20.91 2.82
CA SER A 50 -18.82 21.25 3.47
C SER A 50 -18.69 21.36 4.99
N ARG A 51 -17.85 20.53 5.60
CA ARG A 51 -17.65 20.60 7.04
C ARG A 51 -16.60 21.66 7.44
N ASN A 52 -16.13 22.46 6.48
CA ASN A 52 -15.01 23.39 6.72
C ASN A 52 -15.27 24.85 6.30
N ILE A 53 -16.08 25.05 5.26
CA ILE A 53 -16.29 26.39 4.70
C ILE A 53 -16.97 27.35 5.69
N ALA A 54 -18.06 26.91 6.33
CA ALA A 54 -18.74 27.74 7.31
C ALA A 54 -17.76 28.18 8.39
N VAL A 55 -17.03 27.23 8.96
CA VAL A 55 -16.08 27.56 10.03
C VAL A 55 -14.97 28.51 9.56
N LEU A 56 -14.41 28.25 8.39
CA LEU A 56 -13.32 29.11 7.90
C LEU A 56 -13.81 30.52 7.56
N ALA A 57 -15.10 30.64 7.24
CA ALA A 57 -15.65 31.93 6.77
C ALA A 57 -15.94 32.91 7.90
N ARG A 58 -15.96 32.42 9.14
CA ARG A 58 -16.01 33.31 10.30
C ARG A 58 -14.71 34.11 10.43
N HIS A 59 -13.61 33.58 9.89
CA HIS A 59 -12.32 34.27 10.05
C HIS A 59 -11.81 34.79 8.72
N PHE A 60 -12.17 34.12 7.62
CA PHE A 60 -11.57 34.46 6.33
C PHE A 60 -12.61 34.73 5.26
N HIS A 61 -12.19 35.48 4.25
CA HIS A 61 -12.90 35.54 2.98
C HIS A 61 -12.53 34.29 2.20
N VAL A 62 -13.45 33.35 2.12
CA VAL A 62 -13.18 32.04 1.54
C VAL A 62 -13.57 31.97 0.07
N LEU A 63 -12.68 31.45 -0.77
CA LEU A 63 -13.00 31.15 -2.16
C LEU A 63 -12.70 29.68 -2.47
N ALA A 64 -13.76 28.87 -2.58
CA ALA A 64 -13.64 27.45 -2.91
C ALA A 64 -13.95 27.23 -4.38
N VAL A 65 -12.92 27.01 -5.19
CA VAL A 65 -13.02 26.98 -6.65
C VAL A 65 -13.18 25.57 -7.17
N ASP A 66 -14.25 25.31 -7.93
CA ASP A 66 -14.38 24.06 -8.71
C ASP A 66 -13.28 24.08 -9.80
N GLN A 67 -12.39 23.09 -9.81
CA GLN A 67 -11.34 23.04 -10.85
C GLN A 67 -11.92 22.60 -12.20
N PRO A 68 -11.35 23.13 -13.29
CA PRO A 68 -11.76 22.72 -14.63
C PRO A 68 -11.81 21.21 -14.70
N GLY A 69 -12.90 20.64 -15.21
CA GLY A 69 -13.03 19.21 -15.26
C GLY A 69 -13.92 18.70 -14.13
N TYR A 70 -14.32 19.60 -13.25
CA TYR A 70 -15.07 19.21 -12.05
C TYR A 70 -16.20 20.18 -11.75
N GLY A 71 -17.17 19.72 -10.96
CA GLY A 71 -18.28 20.56 -10.53
C GLY A 71 -19.04 21.15 -11.69
N HIS A 72 -19.26 22.46 -11.61
CA HIS A 72 -19.99 23.17 -12.65
C HIS A 72 -19.03 24.03 -13.45
N SER A 73 -17.73 23.73 -13.37
CA SER A 73 -16.73 24.40 -14.20
C SER A 73 -16.59 23.66 -15.50
N ASP A 74 -15.94 24.29 -16.48
CA ASP A 74 -15.92 23.76 -17.84
C ASP A 74 -15.26 22.41 -17.92
N LYS A 75 -15.89 21.51 -18.64
CA LYS A 75 -15.32 20.18 -18.86
C LYS A 75 -14.84 20.01 -20.32
N ARG A 76 -13.71 20.63 -20.64
CA ARG A 76 -13.10 20.50 -21.96
C ARG A 76 -12.71 19.07 -22.25
N ALA A 77 -12.58 18.75 -23.52
CA ALA A 77 -12.34 17.37 -23.90
C ALA A 77 -10.85 17.13 -24.04
N GLU A 78 -10.10 18.24 -23.99
CA GLU A 78 -8.67 18.24 -24.18
C GLU A 78 -7.99 19.30 -23.29
N HIS A 79 -6.87 18.93 -22.67
CA HIS A 79 -6.02 19.87 -21.92
C HIS A 79 -4.66 19.25 -21.68
N GLY A 80 -3.67 20.08 -21.35
CA GLY A 80 -2.32 19.61 -21.01
C GLY A 80 -2.21 19.05 -19.59
N GLN A 81 -0.99 19.06 -19.03
CA GLN A 81 -0.76 18.62 -17.64
C GLN A 81 -1.78 19.31 -16.73
N PHE A 82 -2.52 18.51 -15.97
CA PHE A 82 -3.72 19.06 -15.36
C PHE A 82 -3.45 20.17 -14.33
N ASN A 83 -2.44 19.96 -13.48
CA ASN A 83 -2.15 20.96 -12.44
C ASN A 83 -1.70 22.30 -13.02
N ARG A 84 -0.96 22.27 -14.13
CA ARG A 84 -0.57 23.50 -14.79
C ARG A 84 -1.81 24.15 -15.41
N TYR A 85 -2.63 23.33 -16.08
CA TYR A 85 -3.87 23.81 -16.68
C TYR A 85 -4.75 24.49 -15.65
N ALA A 86 -5.03 23.80 -14.53
CA ALA A 86 -5.84 24.39 -13.48
C ALA A 86 -5.17 25.61 -12.84
N ALA A 87 -3.85 25.60 -12.71
CA ALA A 87 -3.18 26.74 -12.07
C ALA A 87 -3.31 28.00 -12.95
N MET A 88 -3.19 27.82 -14.28
CA MET A 88 -3.47 28.89 -15.24
C MET A 88 -4.89 29.46 -15.04
N ALA A 89 -5.89 28.58 -14.94
CA ALA A 89 -7.26 29.00 -14.65
C ALA A 89 -7.37 29.80 -13.35
N LEU A 90 -6.60 29.42 -12.33
CA LEU A 90 -6.64 30.09 -11.05
C LEU A 90 -5.93 31.46 -11.18
N LYS A 91 -4.84 31.49 -11.95
CA LYS A 91 -4.17 32.75 -12.27
C LYS A 91 -5.19 33.72 -12.89
N GLY A 92 -6.01 33.23 -13.81
CA GLY A 92 -7.02 34.07 -14.45
C GLY A 92 -8.04 34.62 -13.48
N LEU A 93 -8.52 33.76 -12.59
CA LEU A 93 -9.54 34.13 -11.63
C LEU A 93 -8.98 35.10 -10.57
N PHE A 94 -7.70 34.95 -10.23
CA PHE A 94 -7.04 35.85 -9.27
C PHE A 94 -7.02 37.27 -9.83
N ASP A 95 -6.48 37.42 -11.04
CA ASP A 95 -6.38 38.72 -11.70
C ASP A 95 -7.75 39.40 -11.86
N GLN A 96 -8.76 38.60 -12.18
CA GLN A 96 -10.13 39.09 -12.32
C GLN A 96 -10.70 39.61 -11.01
N LEU A 97 -10.38 38.92 -9.93
CA LEU A 97 -10.90 39.28 -8.61
C LEU A 97 -10.00 40.29 -7.90
N GLY A 98 -8.88 40.63 -8.53
CA GLY A 98 -7.96 41.59 -7.97
C GLY A 98 -7.20 41.09 -6.77
N LEU A 99 -7.08 39.78 -6.63
CA LEU A 99 -6.36 39.21 -5.51
C LEU A 99 -4.84 39.40 -5.73
N GLY A 100 -4.12 39.66 -4.65
CA GLY A 100 -2.69 39.83 -4.74
C GLY A 100 -2.07 38.51 -4.34
N ARG A 101 -1.44 38.46 -3.16
CA ARG A 101 -0.87 37.20 -2.69
C ARG A 101 -1.84 36.56 -1.70
N VAL A 102 -2.24 35.32 -1.96
CA VAL A 102 -3.29 34.64 -1.21
C VAL A 102 -2.88 33.22 -0.80
N PRO A 103 -3.12 32.83 0.46
CA PRO A 103 -2.83 31.43 0.87
C PRO A 103 -3.72 30.39 0.21
N LEU A 104 -3.16 29.21 -0.05
CA LEU A 104 -3.90 28.15 -0.71
C LEU A 104 -4.04 26.92 0.17
N VAL A 105 -5.25 26.39 0.23
CA VAL A 105 -5.58 25.15 0.92
C VAL A 105 -6.05 24.17 -0.17
N GLY A 106 -5.30 23.08 -0.39
CA GLY A 106 -5.71 22.11 -1.37
C GLY A 106 -5.53 20.67 -0.92
N ASN A 107 -6.55 19.83 -1.09
CA ASN A 107 -6.33 18.40 -0.86
C ASN A 107 -6.17 17.61 -2.13
N SER A 108 -5.34 16.56 -2.04
CA SER A 108 -5.14 15.62 -3.13
C SER A 108 -4.74 16.34 -4.41
N LEU A 109 -5.58 16.20 -5.44
CA LEU A 109 -5.31 16.83 -6.73
C LEU A 109 -5.17 18.35 -6.61
N GLY A 110 -6.08 18.98 -5.86
CA GLY A 110 -6.05 20.40 -5.63
C GLY A 110 -4.80 20.86 -4.91
N GLY A 111 -4.25 19.99 -4.06
CA GLY A 111 -2.98 20.27 -3.42
C GLY A 111 -1.91 20.39 -4.48
N GLY A 112 -1.95 19.49 -5.45
CA GLY A 112 -1.01 19.54 -6.56
C GLY A 112 -1.19 20.82 -7.34
N THR A 113 -2.45 21.21 -7.55
CA THR A 113 -2.73 22.47 -8.22
C THR A 113 -2.23 23.67 -7.40
N ALA A 114 -2.47 23.65 -6.09
CA ALA A 114 -1.92 24.70 -5.22
C ALA A 114 -0.40 24.75 -5.38
N VAL A 115 0.26 23.60 -5.30
CA VAL A 115 1.71 23.60 -5.44
C VAL A 115 2.14 24.04 -6.81
N ARG A 116 1.47 23.57 -7.85
CA ARG A 116 1.86 23.95 -9.20
C ARG A 116 1.70 25.45 -9.39
N PHE A 117 0.64 26.00 -8.81
CA PHE A 117 0.41 27.44 -8.85
C PHE A 117 1.54 28.21 -8.15
N ALA A 118 1.92 27.78 -6.94
CA ALA A 118 2.90 28.47 -6.11
C ALA A 118 4.27 28.47 -6.71
N LEU A 119 4.53 27.51 -7.58
CA LEU A 119 5.83 27.43 -8.25
C LEU A 119 5.82 28.30 -9.50
N ASP A 120 4.66 28.40 -10.16
CA ASP A 120 4.51 29.12 -11.43
C ASP A 120 4.29 30.63 -11.27
N TYR A 121 3.70 31.02 -10.16
CA TYR A 121 3.44 32.43 -9.87
C TYR A 121 3.79 32.70 -8.42
N PRO A 122 5.09 32.78 -8.11
CA PRO A 122 5.58 32.84 -6.72
C PRO A 122 5.02 34.00 -5.92
N ALA A 123 4.79 35.14 -6.58
CA ALA A 123 4.34 36.31 -5.84
C ALA A 123 2.86 36.25 -5.52
N ARG A 124 2.16 35.26 -6.07
CA ARG A 124 0.70 35.22 -5.96
C ARG A 124 0.19 34.30 -4.84
N ALA A 125 1.08 33.46 -4.33
CA ALA A 125 0.65 32.49 -3.32
C ALA A 125 1.37 32.70 -2.00
N GLY A 126 0.61 32.73 -0.92
CA GLY A 126 1.21 32.78 0.40
C GLY A 126 1.37 31.39 0.98
N ARG A 127 1.03 31.25 2.25
CA ARG A 127 1.17 29.98 2.95
C ARG A 127 0.34 28.91 2.24
N LEU A 128 0.80 27.67 2.29
CA LEU A 128 0.05 26.56 1.70
C LEU A 128 -0.30 25.60 2.80
N VAL A 129 -1.52 25.10 2.77
CA VAL A 129 -1.95 23.98 3.58
C VAL A 129 -2.33 22.90 2.57
N LEU A 130 -1.79 21.69 2.74
CA LEU A 130 -1.91 20.67 1.72
C LEU A 130 -2.25 19.34 2.39
N MET A 131 -3.44 18.79 2.08
CA MET A 131 -3.91 17.51 2.64
C MET A 131 -3.70 16.39 1.64
N GLY A 132 -2.86 15.41 2.03
CA GLY A 132 -2.53 14.29 1.18
C GLY A 132 -2.35 14.64 -0.27
N PRO A 133 -1.48 15.62 -0.58
CA PRO A 133 -1.42 16.19 -1.93
C PRO A 133 -0.78 15.30 -2.99
N GLY A 134 -1.29 15.37 -4.21
CA GLY A 134 -0.67 14.70 -5.35
C GLY A 134 0.44 15.60 -5.85
N GLY A 135 1.21 15.16 -6.83
CA GLY A 135 2.21 16.05 -7.37
C GLY A 135 3.48 16.08 -6.56
N LEU A 136 3.45 16.70 -5.37
CA LEU A 136 4.68 16.74 -4.56
C LEU A 136 4.93 15.45 -3.79
N SER A 137 3.95 14.57 -3.75
CA SER A 137 4.15 13.28 -3.13
C SER A 137 4.84 12.31 -4.08
N ILE A 138 5.78 11.56 -3.53
CA ILE A 138 6.39 10.45 -4.24
C ILE A 138 6.54 9.29 -3.24
N ASN A 139 5.85 8.18 -3.51
CA ASN A 139 5.74 7.09 -2.55
C ASN A 139 7.01 6.25 -2.48
N LEU A 140 7.87 6.52 -1.50
CA LEU A 140 9.14 5.83 -1.43
C LEU A 140 9.04 4.32 -1.11
N PHE A 141 7.93 3.86 -0.54
CA PHE A 141 7.81 2.44 -0.21
C PHE A 141 6.63 1.74 -0.90
N ALA A 142 5.52 2.45 -1.06
CA ALA A 142 4.35 1.86 -1.68
C ALA A 142 4.57 1.72 -3.19
N PRO A 143 4.43 0.50 -3.70
CA PRO A 143 4.50 0.29 -5.16
C PRO A 143 3.38 1.07 -5.86
N ASP A 144 3.68 1.69 -6.98
CA ASP A 144 2.69 2.42 -7.76
C ASP A 144 2.21 1.56 -8.94
N PRO A 145 0.92 1.66 -9.31
CA PRO A 145 -0.13 2.51 -8.68
C PRO A 145 -0.61 1.95 -7.35
N THR A 146 -0.93 2.85 -6.42
CA THR A 146 -1.44 2.45 -5.10
C THR A 146 -2.86 1.87 -5.24
N GLU A 147 -3.35 1.25 -4.17
CA GLU A 147 -4.68 0.65 -4.17
C GLU A 147 -5.77 1.62 -4.62
N GLY A 148 -5.71 2.85 -4.09
CA GLY A 148 -6.71 3.85 -4.39
C GLY A 148 -6.67 4.30 -5.85
N VAL A 149 -5.47 4.43 -6.41
CA VAL A 149 -5.37 4.83 -7.80
C VAL A 149 -5.87 3.71 -8.71
N LYS A 150 -5.54 2.47 -8.33
CA LYS A 150 -6.02 1.30 -9.08
C LYS A 150 -7.54 1.29 -9.14
N ARG A 151 -8.19 1.52 -8.00
CA ARG A 151 -9.64 1.51 -7.93
C ARG A 151 -10.28 2.65 -8.70
N LEU A 152 -9.57 3.78 -8.79
CA LEU A 152 -10.04 4.92 -9.58
C LEU A 152 -9.95 4.62 -11.07
N SER A 153 -8.82 4.02 -11.48
CA SER A 153 -8.62 3.63 -12.85
C SER A 153 -9.67 2.62 -13.30
N LYS A 154 -9.99 1.69 -12.40
CA LYS A 154 -11.01 0.67 -12.66
C LYS A 154 -12.39 1.30 -12.91
N PHE A 155 -12.70 2.37 -12.18
CA PHE A 155 -13.94 3.08 -12.42
C PHE A 155 -13.93 3.83 -13.76
N SER A 156 -12.78 4.43 -14.10
CA SER A 156 -12.62 5.14 -15.37
C SER A 156 -12.81 4.20 -16.57
N VAL A 157 -12.41 2.95 -16.40
CA VAL A 157 -12.57 1.91 -17.41
C VAL A 157 -14.01 1.34 -17.46
N ALA A 158 -14.61 1.13 -16.29
CA ALA A 158 -15.93 0.53 -16.20
C ALA A 158 -16.76 1.26 -15.14
N PRO A 159 -17.37 2.38 -15.54
CA PRO A 159 -18.02 3.31 -14.60
C PRO A 159 -19.34 2.83 -14.03
N THR A 160 -19.26 1.79 -13.21
CA THR A 160 -20.41 1.24 -12.52
C THR A 160 -20.53 1.76 -11.06
N ARG A 161 -21.69 1.53 -10.47
CA ARG A 161 -21.91 1.98 -9.12
C ARG A 161 -21.05 1.16 -8.17
N GLU A 162 -20.91 -0.13 -8.47
CA GLU A 162 -20.12 -1.02 -7.62
C GLU A 162 -18.65 -0.61 -7.59
N ASN A 163 -18.13 -0.23 -8.76
CA ASN A 163 -16.75 0.19 -8.83
C ASN A 163 -16.58 1.52 -8.09
N LEU A 164 -17.58 2.40 -8.21
CA LEU A 164 -17.48 3.71 -7.57
C LEU A 164 -17.47 3.56 -6.05
N GLU A 165 -18.32 2.67 -5.54
CA GLU A 165 -18.35 2.41 -4.12
C GLU A 165 -17.02 1.85 -3.63
N ALA A 166 -16.45 0.88 -4.36
CA ALA A 166 -15.16 0.31 -3.95
C ALA A 166 -14.07 1.38 -3.81
N PHE A 167 -14.07 2.33 -4.73
CA PHE A 167 -13.11 3.42 -4.71
C PHE A 167 -13.33 4.33 -3.50
N LEU A 168 -14.58 4.73 -3.25
CA LEU A 168 -14.88 5.61 -2.13
C LEU A 168 -14.53 4.98 -0.78
N ARG A 169 -14.64 3.67 -0.70
CA ARG A 169 -14.30 2.95 0.53
C ARG A 169 -12.81 2.94 0.92
N VAL A 170 -11.91 3.05 -0.04
CA VAL A 170 -10.50 3.19 0.33
C VAL A 170 -10.09 4.65 0.53
N MET A 171 -11.07 5.57 0.48
CA MET A 171 -10.84 6.99 0.75
C MET A 171 -10.82 7.32 2.23
N VAL A 172 -11.44 6.47 3.04
CA VAL A 172 -11.67 6.79 4.45
C VAL A 172 -11.29 5.66 5.40
N TYR A 173 -10.98 6.04 6.63
CA TYR A 173 -10.72 5.08 7.67
C TYR A 173 -12.07 4.54 8.15
N ASP A 174 -13.02 5.43 8.42
CA ASP A 174 -14.34 4.98 8.83
C ASP A 174 -15.25 4.79 7.65
N LYS A 175 -15.47 3.53 7.31
CA LYS A 175 -16.22 3.16 6.12
C LYS A 175 -17.71 3.49 6.23
N ASN A 176 -18.20 3.70 7.45
CA ASN A 176 -19.59 4.12 7.66
C ASN A 176 -19.88 5.45 7.01
N LEU A 177 -18.84 6.21 6.70
CA LEU A 177 -18.99 7.49 6.01
C LEU A 177 -19.49 7.29 4.61
N ILE A 178 -19.27 6.08 4.09
CA ILE A 178 -19.70 5.76 2.74
C ILE A 178 -21.14 5.24 2.82
N THR A 179 -22.08 6.17 2.71
CA THR A 179 -23.52 5.87 2.79
C THR A 179 -24.10 5.68 1.36
N PRO A 180 -25.24 4.97 1.23
CA PRO A 180 -25.90 4.88 -0.07
C PRO A 180 -26.20 6.26 -0.68
N GLU A 181 -26.57 7.23 0.14
CA GLU A 181 -26.83 8.57 -0.36
C GLU A 181 -25.60 9.19 -1.01
N LEU A 182 -24.43 9.00 -0.38
CA LEU A 182 -23.20 9.58 -0.90
C LEU A 182 -22.77 8.96 -2.23
N VAL A 183 -22.87 7.64 -2.32
CA VAL A 183 -22.54 6.91 -3.55
C VAL A 183 -23.48 7.28 -4.70
N ASP A 184 -24.78 7.32 -4.44
CA ASP A 184 -25.75 7.72 -5.46
C ASP A 184 -25.46 9.13 -5.98
N GLN A 185 -25.14 10.05 -5.07
CA GLN A 185 -24.87 11.44 -5.47
C GLN A 185 -23.57 11.59 -6.27
N ARG A 186 -22.53 10.91 -5.84
CA ARG A 186 -21.26 10.94 -6.56
C ARG A 186 -21.42 10.30 -7.93
N PHE A 187 -22.15 9.20 -7.98
CA PHE A 187 -22.33 8.45 -9.22
C PHE A 187 -23.13 9.19 -10.26
N ALA A 188 -24.18 9.88 -9.84
CA ALA A 188 -25.00 10.70 -10.74
C ALA A 188 -24.18 11.79 -11.43
N LEU A 189 -23.37 12.49 -10.65
CA LEU A 189 -22.50 13.54 -11.17
C LEU A 189 -21.44 12.94 -12.08
N ALA A 190 -20.93 11.77 -11.72
CA ALA A 190 -19.80 11.21 -12.42
C ALA A 190 -20.17 10.48 -13.73
N SER A 191 -21.42 10.04 -13.85
CA SER A 191 -21.79 9.28 -15.03
C SER A 191 -22.43 10.11 -16.15
N THR A 192 -22.56 11.43 -15.97
CA THR A 192 -22.99 12.31 -17.05
C THR A 192 -21.94 12.31 -18.14
N PRO A 193 -22.37 12.46 -19.41
CA PRO A 193 -21.41 12.43 -20.52
C PRO A 193 -20.30 13.50 -20.43
N GLU A 194 -20.61 14.70 -19.92
CA GLU A 194 -19.61 15.74 -19.77
C GLU A 194 -18.53 15.31 -18.79
N SER A 195 -18.92 14.64 -17.71
CA SER A 195 -17.97 14.17 -16.72
C SER A 195 -17.11 13.07 -17.33
N LEU A 196 -17.73 12.22 -18.15
CA LEU A 196 -17.01 11.17 -18.85
C LEU A 196 -16.07 11.81 -19.90
N THR A 197 -16.46 12.97 -20.41
CA THR A 197 -15.59 13.69 -21.34
C THR A 197 -14.36 14.13 -20.56
N ALA A 198 -14.60 14.68 -19.38
CA ALA A 198 -13.55 15.17 -18.48
C ALA A 198 -12.58 14.04 -18.07
N THR A 199 -13.12 12.85 -17.82
CA THR A 199 -12.27 11.70 -17.48
C THR A 199 -11.34 11.26 -18.63
N ARG A 200 -11.84 11.26 -19.88
CA ARG A 200 -10.99 10.94 -21.03
C ARG A 200 -9.94 12.02 -21.24
N ALA A 201 -10.35 13.27 -21.05
CA ALA A 201 -9.43 14.39 -21.19
C ALA A 201 -8.29 14.23 -20.19
N MET A 202 -8.62 13.85 -18.96
CA MET A 202 -7.61 13.60 -17.94
C MET A 202 -6.69 12.46 -18.31
N GLY A 203 -7.26 11.36 -18.79
CA GLY A 203 -6.49 10.20 -19.20
C GLY A 203 -5.56 10.50 -20.35
N LYS A 204 -6.04 11.24 -21.34
CA LYS A 204 -5.20 11.60 -22.48
C LYS A 204 -4.10 12.55 -22.04
N SER A 205 -4.35 13.32 -20.98
CA SER A 205 -3.37 14.31 -20.53
C SER A 205 -2.13 13.66 -19.95
N PHE A 206 -2.25 12.41 -19.49
CA PHE A 206 -1.11 11.72 -18.91
C PHE A 206 -0.04 11.36 -19.94
N ALA A 207 -0.45 11.12 -21.19
CA ALA A 207 0.47 10.80 -22.29
C ALA A 207 1.22 12.03 -22.80
N GLY A 208 0.93 13.18 -22.20
CA GLY A 208 1.50 14.45 -22.62
C GLY A 208 3.00 14.50 -22.50
N ALA A 209 3.61 15.39 -23.28
CA ALA A 209 5.03 15.59 -23.22
C ALA A 209 5.45 16.44 -22.01
N ASP A 210 4.48 17.08 -21.36
CA ASP A 210 4.74 17.95 -20.20
C ASP A 210 4.55 17.23 -18.86
N PHE A 211 4.66 15.90 -18.85
CA PHE A 211 4.44 15.10 -17.64
C PHE A 211 5.30 15.55 -16.46
N GLU A 212 6.51 16.03 -16.76
CA GLU A 212 7.47 16.48 -15.76
C GLU A 212 6.93 17.60 -14.85
N ALA A 213 5.99 18.37 -15.36
CA ALA A 213 5.40 19.44 -14.58
C ALA A 213 4.50 18.92 -13.47
N GLY A 214 4.21 17.62 -13.49
CA GLY A 214 3.40 16.99 -12.46
C GLY A 214 4.26 16.40 -11.35
N MET A 215 5.56 16.25 -11.62
CA MET A 215 6.51 15.66 -10.67
C MET A 215 7.07 16.76 -9.78
N MET A 216 6.19 17.39 -9.01
CA MET A 216 6.55 18.59 -8.30
C MET A 216 7.46 18.35 -7.11
N TRP A 217 7.65 17.09 -6.74
CA TRP A 217 8.60 16.75 -5.67
C TRP A 217 10.04 17.07 -6.10
N ARG A 218 10.24 17.31 -7.41
CA ARG A 218 11.57 17.69 -7.90
C ARG A 218 11.81 19.19 -7.75
N GLU A 219 10.77 19.94 -7.40
CA GLU A 219 10.80 21.39 -7.52
C GLU A 219 10.52 22.12 -6.21
N VAL A 220 9.91 21.44 -5.23
CA VAL A 220 9.38 22.13 -4.04
C VAL A 220 10.42 22.71 -3.09
N TYR A 221 11.68 22.34 -3.24
CA TYR A 221 12.76 22.99 -2.51
C TYR A 221 12.80 24.51 -2.74
N ARG A 222 12.14 24.97 -3.80
CA ARG A 222 12.10 26.39 -4.14
C ARG A 222 11.02 27.17 -3.41
N LEU A 223 10.07 26.47 -2.80
CA LEU A 223 9.02 27.18 -2.08
C LEU A 223 9.60 27.92 -0.87
N ARG A 224 9.32 29.22 -0.78
CA ARG A 224 9.80 30.03 0.35
C ARG A 224 8.80 30.25 1.49
N GLN A 225 7.51 30.01 1.24
CA GLN A 225 6.52 30.19 2.30
C GLN A 225 6.49 28.98 3.23
N PRO A 226 5.93 29.17 4.42
CA PRO A 226 5.66 28.01 5.27
C PRO A 226 4.60 27.14 4.59
N VAL A 227 4.75 25.83 4.70
CA VAL A 227 3.83 24.89 4.10
C VAL A 227 3.40 23.89 5.16
N LEU A 228 2.09 23.77 5.39
CA LEU A 228 1.61 22.77 6.33
C LEU A 228 1.12 21.55 5.56
N LEU A 229 1.83 20.43 5.70
CA LEU A 229 1.39 19.18 5.11
C LEU A 229 0.55 18.45 6.13
N ILE A 230 -0.68 18.08 5.75
CA ILE A 230 -1.58 17.32 6.62
C ILE A 230 -1.91 15.96 5.98
N TRP A 231 -1.79 14.90 6.76
CA TRP A 231 -1.89 13.55 6.22
C TRP A 231 -2.67 12.64 7.15
N GLY A 232 -3.42 11.71 6.56
CA GLY A 232 -4.05 10.67 7.37
C GLY A 232 -3.10 9.49 7.42
N ARG A 233 -2.84 8.95 8.60
CA ARG A 233 -1.90 7.82 8.71
C ARG A 233 -2.31 6.61 7.84
N GLU A 234 -3.62 6.41 7.64
CA GLU A 234 -4.12 5.28 6.87
C GLU A 234 -4.54 5.65 5.45
N ASP A 235 -3.95 6.70 4.88
CA ASP A 235 -4.27 7.14 3.51
C ASP A 235 -3.84 6.07 2.49
N ARG A 236 -4.80 5.58 1.70
CA ARG A 236 -4.52 4.49 0.75
C ARG A 236 -4.41 4.95 -0.70
N VAL A 237 -4.53 6.26 -0.93
CA VAL A 237 -4.34 6.84 -2.25
C VAL A 237 -2.95 7.46 -2.38
N ASN A 238 -2.68 8.43 -1.51
CA ASN A 238 -1.35 9.00 -1.33
C ASN A 238 -0.84 8.64 0.06
N PRO A 239 -0.13 7.52 0.16
CA PRO A 239 0.29 7.02 1.48
C PRO A 239 1.27 7.95 2.19
N LEU A 240 1.45 7.72 3.48
CA LEU A 240 2.27 8.59 4.30
C LEU A 240 3.74 8.72 3.85
N ASP A 241 4.32 7.64 3.34
CA ASP A 241 5.70 7.72 2.82
C ASP A 241 5.84 8.76 1.70
N GLY A 242 4.73 9.15 1.08
CA GLY A 242 4.79 10.16 0.04
C GLY A 242 5.12 11.55 0.55
N ALA A 243 5.11 11.76 1.87
CA ALA A 243 5.31 13.12 2.43
C ALA A 243 6.78 13.50 2.65
N LEU A 244 7.64 12.50 2.66
CA LEU A 244 9.02 12.63 3.11
C LEU A 244 9.86 13.56 2.25
N VAL A 245 9.80 13.43 0.94
CA VAL A 245 10.59 14.36 0.14
C VAL A 245 10.17 15.81 0.36
N ALA A 246 8.87 16.09 0.38
CA ALA A 246 8.41 17.47 0.61
C ALA A 246 8.81 17.97 1.99
N LEU A 247 8.62 17.13 3.02
CA LEU A 247 8.97 17.54 4.38
C LEU A 247 10.46 17.86 4.48
N LYS A 248 11.29 17.09 3.80
CA LYS A 248 12.72 17.34 3.83
C LYS A 248 13.16 18.56 3.03
N THR A 249 12.61 18.78 1.85
CA THR A 249 13.21 19.77 0.94
C THR A 249 12.55 21.15 0.98
N ILE A 250 11.32 21.21 1.49
CA ILE A 250 10.65 22.49 1.68
C ILE A 250 11.13 23.10 3.02
N PRO A 251 11.92 24.20 2.94
CA PRO A 251 12.64 24.80 4.07
C PRO A 251 11.79 25.08 5.30
N ARG A 252 10.63 25.68 5.11
CA ARG A 252 9.75 26.03 6.22
C ARG A 252 8.51 25.12 6.28
N ALA A 253 8.71 23.81 6.11
CA ALA A 253 7.59 22.87 6.14
C ALA A 253 7.19 22.46 7.54
N GLN A 254 5.95 21.99 7.66
CA GLN A 254 5.46 21.37 8.86
C GLN A 254 4.64 20.17 8.42
N LEU A 255 4.62 19.12 9.22
CA LEU A 255 3.82 17.96 8.88
C LEU A 255 2.93 17.62 10.04
N HIS A 256 1.64 17.47 9.79
CA HIS A 256 0.76 16.91 10.80
C HIS A 256 0.09 15.64 10.30
N VAL A 257 0.22 14.57 11.10
CA VAL A 257 -0.36 13.29 10.79
C VAL A 257 -1.40 12.89 11.84
N PHE A 258 -2.58 12.47 11.35
CA PHE A 258 -3.64 12.00 12.23
C PHE A 258 -3.74 10.51 12.09
N GLY A 259 -3.77 9.82 13.22
CA GLY A 259 -4.02 8.39 13.23
C GLY A 259 -5.52 8.15 13.12
N GLN A 260 -5.92 6.98 12.64
CA GLN A 260 -7.32 6.64 12.43
C GLN A 260 -7.98 7.65 11.52
N CYS A 261 -7.30 7.92 10.42
CA CYS A 261 -7.79 8.84 9.41
C CYS A 261 -7.26 8.44 8.03
N GLY A 262 -8.12 8.48 7.02
CA GLY A 262 -7.70 8.14 5.66
C GLY A 262 -7.42 9.35 4.79
N HIS A 263 -7.67 9.21 3.50
CA HIS A 263 -7.42 10.25 2.49
C HIS A 263 -8.24 11.56 2.72
N TRP A 264 -9.43 11.46 3.28
CA TRP A 264 -10.26 12.65 3.44
C TRP A 264 -10.12 13.31 4.81
N VAL A 265 -8.96 13.88 5.10
CA VAL A 265 -8.72 14.45 6.43
C VAL A 265 -9.73 15.52 6.78
N GLN A 266 -10.05 16.38 5.81
CA GLN A 266 -10.91 17.52 6.08
C GLN A 266 -12.34 17.08 6.43
N VAL A 267 -12.65 15.80 6.18
CA VAL A 267 -13.95 15.23 6.56
C VAL A 267 -13.83 14.38 7.84
N GLU A 268 -12.91 13.40 7.85
CA GLU A 268 -12.79 12.52 9.01
C GLU A 268 -12.23 13.22 10.25
N LYS A 269 -11.47 14.28 10.05
CA LYS A 269 -10.97 15.04 11.18
C LYS A 269 -11.26 16.51 10.95
N PHE A 270 -12.51 16.81 10.59
CA PHE A 270 -12.87 18.16 10.17
C PHE A 270 -12.49 19.21 11.22
N ASP A 271 -12.78 18.90 12.47
CA ASP A 271 -12.55 19.86 13.54
C ASP A 271 -11.09 20.20 13.78
N GLU A 272 -10.27 19.17 13.95
CA GLU A 272 -8.84 19.34 14.15
C GLU A 272 -8.24 19.99 12.90
N PHE A 273 -8.74 19.61 11.74
CA PHE A 273 -8.26 20.18 10.49
C PHE A 273 -8.61 21.67 10.39
N ASN A 274 -9.81 22.03 10.82
CA ASN A 274 -10.24 23.43 10.78
C ASN A 274 -9.39 24.33 11.65
N LYS A 275 -9.10 23.87 12.88
CA LYS A 275 -8.31 24.67 13.82
C LYS A 275 -6.85 24.83 13.35
N LEU A 276 -6.29 23.73 12.86
CA LEU A 276 -4.90 23.72 12.44
C LEU A 276 -4.78 24.71 11.28
N THR A 277 -5.76 24.69 10.40
CA THR A 277 -5.77 25.57 9.26
C THR A 277 -5.91 27.03 9.69
N ILE A 278 -6.90 27.30 10.53
CA ILE A 278 -7.14 28.67 11.01
C ILE A 278 -5.89 29.21 11.70
N GLU A 279 -5.32 28.41 12.58
CA GLU A 279 -4.17 28.82 13.35
C GLU A 279 -2.97 29.05 12.45
N PHE A 280 -2.75 28.12 11.52
CA PHE A 280 -1.59 28.22 10.62
C PHE A 280 -1.68 29.43 9.69
N LEU A 281 -2.91 29.78 9.30
CA LEU A 281 -3.13 30.91 8.39
C LEU A 281 -3.26 32.25 9.12
N GLY A 282 -3.05 32.25 10.44
CA GLY A 282 -2.94 33.50 11.18
C GLY A 282 -4.15 33.99 11.96
N GLY A 283 -5.11 33.10 12.18
CA GLY A 283 -6.26 33.39 13.04
C GLY A 283 -7.36 34.30 12.53
N GLY A 284 -7.04 35.12 11.51
CA GLY A 284 -7.99 36.08 10.96
C GLY A 284 -8.45 37.13 11.96
N LEU B 1 15.64 -35.94 -9.38
CA LEU B 1 15.02 -34.94 -8.50
C LEU B 1 13.56 -34.66 -8.90
N THR B 2 12.64 -35.37 -8.24
CA THR B 2 11.19 -35.22 -8.43
C THR B 2 10.47 -35.17 -7.07
N PHE B 3 9.18 -34.87 -7.13
CA PHE B 3 8.32 -34.81 -5.94
C PHE B 3 8.39 -36.13 -5.17
N GLU B 4 8.16 -37.23 -5.90
CA GLU B 4 7.97 -38.54 -5.27
C GLU B 4 9.29 -39.08 -4.70
N SER B 5 10.37 -38.85 -5.44
CA SER B 5 11.69 -39.33 -5.02
C SER B 5 12.16 -38.62 -3.74
N THR B 6 11.79 -37.34 -3.61
CA THR B 6 12.24 -36.55 -2.47
C THR B 6 11.24 -36.59 -1.33
N SER B 7 10.06 -37.15 -1.56
CA SER B 7 9.03 -37.22 -0.52
C SER B 7 9.50 -38.03 0.67
N ARG B 8 9.19 -37.52 1.86
CA ARG B 8 9.44 -38.19 3.14
C ARG B 8 8.33 -37.79 4.07
N PHE B 9 8.11 -38.55 5.14
CA PHE B 9 7.16 -38.16 6.18
C PHE B 9 7.76 -38.38 7.55
N ALA B 10 7.25 -37.68 8.55
CA ALA B 10 7.70 -37.90 9.91
C ALA B 10 6.54 -37.52 10.81
N GLU B 11 6.49 -38.13 11.98
CA GLU B 11 5.41 -37.89 12.90
C GLU B 11 6.00 -37.30 14.16
N VAL B 12 5.56 -36.09 14.52
CA VAL B 12 6.10 -35.40 15.68
C VAL B 12 4.96 -35.13 16.64
N ASP B 13 5.29 -34.64 17.83
CA ASP B 13 4.28 -34.38 18.83
C ASP B 13 4.09 -32.89 19.17
N VAL B 14 2.96 -32.33 18.74
CA VAL B 14 2.58 -31.01 19.18
C VAL B 14 1.14 -31.09 19.67
N ASP B 15 0.98 -31.21 20.98
CA ASP B 15 -0.32 -31.51 21.60
C ASP B 15 -1.02 -32.70 20.91
N GLY B 16 -0.29 -33.79 20.70
CA GLY B 16 -0.83 -34.95 20.00
C GLY B 16 -0.03 -35.25 18.76
N PRO B 17 -0.34 -36.37 18.10
CA PRO B 17 0.32 -36.76 16.84
C PRO B 17 0.16 -35.70 15.75
N LEU B 18 1.23 -35.43 15.02
CA LEU B 18 1.17 -34.54 13.87
C LEU B 18 2.06 -35.06 12.76
N LYS B 19 1.46 -35.25 11.58
CA LYS B 19 2.19 -35.76 10.42
C LYS B 19 2.75 -34.57 9.62
N LEU B 20 4.07 -34.57 9.44
CA LEU B 20 4.75 -33.56 8.61
C LEU B 20 5.24 -34.20 7.33
N HIS B 21 4.87 -33.62 6.20
CA HIS B 21 5.46 -34.02 4.92
C HIS B 21 6.69 -33.13 4.64
N TYR B 22 7.71 -33.69 4.00
CA TYR B 22 8.84 -32.87 3.62
C TYR B 22 9.64 -33.51 2.52
N HIS B 23 10.48 -32.70 1.87
CA HIS B 23 11.31 -33.19 0.78
C HIS B 23 12.77 -33.14 1.18
N GLU B 24 13.50 -34.22 0.90
CA GLU B 24 14.92 -34.32 1.18
C GLU B 24 15.70 -34.48 -0.11
N ALA B 25 16.81 -33.75 -0.24
CA ALA B 25 17.66 -33.83 -1.42
C ALA B 25 19.10 -33.49 -1.05
N GLY B 26 20.02 -33.74 -1.97
CA GLY B 26 21.44 -33.53 -1.74
C GLY B 26 21.91 -34.20 -0.45
N VAL B 27 21.56 -35.47 -0.28
CA VAL B 27 21.88 -36.17 0.97
C VAL B 27 23.40 -36.36 1.11
N GLY B 28 24.11 -36.43 -0.01
CA GLY B 28 25.55 -36.57 0.08
C GLY B 28 26.27 -35.32 0.57
N ASN B 29 25.58 -34.19 0.59
CA ASN B 29 26.17 -32.90 0.97
C ASN B 29 26.45 -32.67 2.46
N ASP B 30 27.52 -31.92 2.73
CA ASP B 30 27.99 -31.64 4.08
C ASP B 30 27.05 -30.84 4.99
N GLN B 31 26.42 -29.81 4.44
CA GLN B 31 25.67 -28.86 5.25
C GLN B 31 24.16 -28.93 5.02
N THR B 32 23.41 -28.95 6.12
CA THR B 32 21.96 -29.06 6.06
C THR B 32 21.27 -27.70 6.12
N VAL B 33 20.35 -27.47 5.19
CA VAL B 33 19.55 -26.26 5.19
C VAL B 33 18.07 -26.58 5.18
N VAL B 34 17.31 -25.96 6.05
CA VAL B 34 15.86 -26.16 6.05
C VAL B 34 15.15 -25.03 5.33
N LEU B 35 14.36 -25.38 4.30
CA LEU B 35 13.53 -24.43 3.59
C LEU B 35 12.13 -24.46 4.14
N LEU B 36 11.58 -23.27 4.42
CA LEU B 36 10.20 -23.12 4.90
C LEU B 36 9.41 -22.26 3.89
N HIS B 37 8.36 -22.83 3.31
CA HIS B 37 7.67 -22.19 2.17
C HIS B 37 6.72 -21.04 2.53
N GLY B 38 6.34 -20.26 1.50
CA GLY B 38 5.39 -19.17 1.67
C GLY B 38 3.96 -19.67 1.81
N GLY B 39 3.04 -18.79 2.20
CA GLY B 39 1.75 -19.27 2.64
C GLY B 39 0.50 -18.87 1.88
N GLY B 40 0.53 -18.90 0.56
CA GLY B 40 -0.74 -18.70 -0.13
C GLY B 40 -1.65 -19.92 0.00
N PRO B 41 -2.91 -19.79 -0.41
CA PRO B 41 -3.76 -21.00 -0.45
C PRO B 41 -3.32 -21.94 -1.57
N GLY B 42 -3.12 -23.21 -1.23
CA GLY B 42 -2.69 -24.21 -2.21
C GLY B 42 -1.17 -24.26 -2.33
N ALA B 43 -0.49 -23.54 -1.44
CA ALA B 43 0.96 -23.48 -1.44
C ALA B 43 1.58 -24.70 -0.76
N ALA B 44 2.72 -25.15 -1.25
CA ALA B 44 3.46 -26.23 -0.61
C ALA B 44 4.94 -26.11 -0.93
N SER B 45 5.77 -26.87 -0.21
CA SER B 45 7.22 -26.79 -0.33
C SER B 45 7.70 -26.94 -1.76
N TRP B 46 7.23 -27.98 -2.44
CA TRP B 46 7.73 -28.22 -3.79
C TRP B 46 7.39 -27.11 -4.77
N THR B 47 6.16 -26.61 -4.72
CA THR B 47 5.75 -25.53 -5.60
C THR B 47 6.49 -24.23 -5.34
N ASN B 48 6.69 -23.90 -4.07
CA ASN B 48 7.37 -22.67 -3.68
C ASN B 48 8.82 -22.61 -4.15
N PHE B 49 9.52 -23.71 -4.02
CA PHE B 49 10.96 -23.75 -4.22
C PHE B 49 11.41 -24.48 -5.48
N SER B 50 10.51 -24.64 -6.45
CA SER B 50 10.81 -25.51 -7.58
C SER B 50 12.03 -25.04 -8.37
N ARG B 51 12.14 -23.73 -8.58
CA ARG B 51 13.26 -23.18 -9.36
C ARG B 51 14.50 -23.07 -8.51
N ASN B 52 14.42 -23.65 -7.31
CA ASN B 52 15.44 -23.44 -6.28
C ASN B 52 16.03 -24.72 -5.69
N ILE B 53 15.23 -25.78 -5.52
CA ILE B 53 15.69 -26.98 -4.81
C ILE B 53 16.83 -27.71 -5.50
N ALA B 54 16.69 -27.94 -6.81
CA ALA B 54 17.73 -28.60 -7.58
C ALA B 54 19.07 -27.87 -7.44
N VAL B 55 19.05 -26.55 -7.65
CA VAL B 55 20.25 -25.73 -7.57
C VAL B 55 20.85 -25.72 -6.17
N LEU B 56 19.99 -25.64 -5.15
CA LEU B 56 20.45 -25.65 -3.77
C LEU B 56 21.01 -27.01 -3.32
N ALA B 57 20.54 -28.08 -3.96
CA ALA B 57 20.92 -29.44 -3.54
C ALA B 57 22.29 -29.89 -4.03
N ARG B 58 22.86 -29.13 -4.99
CA ARG B 58 24.26 -29.32 -5.41
C ARG B 58 25.24 -28.91 -4.31
N HIS B 59 24.82 -28.05 -3.39
CA HIS B 59 25.73 -27.53 -2.38
C HIS B 59 25.34 -27.97 -0.97
N PHE B 60 24.04 -28.18 -0.77
CA PHE B 60 23.53 -28.44 0.59
C PHE B 60 22.69 -29.71 0.71
N HIS B 61 22.62 -30.23 1.93
CA HIS B 61 21.58 -31.22 2.28
C HIS B 61 20.30 -30.44 2.57
N VAL B 62 19.35 -30.52 1.64
CA VAL B 62 18.12 -29.72 1.69
C VAL B 62 16.92 -30.46 2.33
N LEU B 63 16.27 -29.81 3.29
CA LEU B 63 15.02 -30.31 3.83
C LEU B 63 13.97 -29.23 3.64
N ALA B 64 13.08 -29.44 2.68
CA ALA B 64 11.99 -28.51 2.40
C ALA B 64 10.69 -29.02 3.03
N VAL B 65 10.30 -28.38 4.13
CA VAL B 65 9.23 -28.85 4.98
C VAL B 65 7.88 -28.21 4.69
N ASP B 66 6.86 -29.04 4.41
CA ASP B 66 5.49 -28.57 4.36
C ASP B 66 5.06 -28.13 5.75
N GLN B 67 4.71 -26.86 5.91
CA GLN B 67 4.23 -26.41 7.21
C GLN B 67 2.82 -26.93 7.43
N PRO B 68 2.48 -27.25 8.69
CA PRO B 68 1.14 -27.73 9.05
C PRO B 68 0.07 -26.84 8.43
N GLY B 69 -0.89 -27.46 7.75
CA GLY B 69 -1.92 -26.73 7.07
C GLY B 69 -1.65 -26.68 5.58
N TYR B 70 -0.49 -27.18 5.15
CA TYR B 70 -0.12 -27.02 3.76
C TYR B 70 0.41 -28.30 3.17
N GLY B 71 0.27 -28.45 1.86
CA GLY B 71 0.77 -29.64 1.17
C GLY B 71 0.20 -30.90 1.79
N HIS B 72 1.07 -31.84 2.12
CA HIS B 72 0.64 -33.12 2.67
C HIS B 72 0.90 -33.24 4.17
N SER B 73 1.08 -32.12 4.86
CA SER B 73 1.19 -32.19 6.31
C SER B 73 -0.20 -32.08 6.94
N ASP B 74 -0.32 -32.42 8.22
CA ASP B 74 -1.63 -32.48 8.82
C ASP B 74 -2.29 -31.12 8.83
N LYS B 75 -3.56 -31.10 8.45
CA LYS B 75 -4.32 -29.88 8.41
C LYS B 75 -5.36 -29.81 9.51
N ARG B 76 -4.91 -29.56 10.75
CA ARG B 76 -5.83 -29.41 11.87
C ARG B 76 -6.79 -28.25 11.67
N ALA B 77 -7.92 -28.30 12.39
CA ALA B 77 -9.00 -27.35 12.20
C ALA B 77 -8.91 -26.23 13.23
N GLU B 78 -8.04 -26.44 14.21
CA GLU B 78 -7.84 -25.47 15.27
C GLU B 78 -6.35 -25.51 15.68
N HIS B 79 -5.75 -24.33 15.89
CA HIS B 79 -4.38 -24.24 16.42
C HIS B 79 -4.14 -22.85 16.97
N GLY B 80 -3.12 -22.69 17.80
CA GLY B 80 -2.75 -21.38 18.32
C GLY B 80 -2.01 -20.51 17.31
N GLN B 81 -1.27 -19.50 17.78
CA GLN B 81 -0.49 -18.63 16.91
C GLN B 81 0.33 -19.45 15.90
N PHE B 82 0.16 -19.21 14.60
CA PHE B 82 0.66 -20.19 13.61
C PHE B 82 2.17 -20.41 13.57
N ASN B 83 2.95 -19.34 13.65
CA ASN B 83 4.42 -19.48 13.58
C ASN B 83 4.99 -20.27 14.77
N ARG B 84 4.40 -20.09 15.96
CA ARG B 84 4.83 -20.84 17.13
C ARG B 84 4.39 -22.30 17.02
N TYR B 85 3.17 -22.50 16.50
CA TYR B 85 2.66 -23.83 16.18
C TYR B 85 3.60 -24.53 15.19
N ALA B 86 3.87 -23.86 14.08
CA ALA B 86 4.75 -24.41 13.06
C ALA B 86 6.18 -24.57 13.60
N ALA B 87 6.64 -23.69 14.47
CA ALA B 87 7.99 -23.84 15.01
C ALA B 87 8.10 -25.07 15.92
N MET B 88 7.08 -25.30 16.75
CA MET B 88 6.99 -26.51 17.59
C MET B 88 7.09 -27.80 16.75
N ALA B 89 6.31 -27.89 15.67
CA ALA B 89 6.44 -29.02 14.76
C ALA B 89 7.86 -29.15 14.21
N LEU B 90 8.51 -28.01 13.96
CA LEU B 90 9.86 -28.02 13.38
C LEU B 90 10.88 -28.50 14.39
N LYS B 91 10.72 -28.00 15.63
CA LYS B 91 11.52 -28.43 16.77
C LYS B 91 11.47 -29.95 16.89
N GLY B 92 10.28 -30.51 16.73
CA GLY B 92 10.07 -31.94 16.78
C GLY B 92 10.81 -32.68 15.70
N LEU B 93 10.78 -32.13 14.49
CA LEU B 93 11.43 -32.79 13.38
C LEU B 93 12.97 -32.73 13.54
N PHE B 94 13.47 -31.64 14.12
CA PHE B 94 14.90 -31.48 14.37
C PHE B 94 15.41 -32.58 15.30
N ASP B 95 14.76 -32.75 16.45
CA ASP B 95 15.13 -33.78 17.40
C ASP B 95 15.06 -35.18 16.78
N GLN B 96 14.05 -35.39 15.95
CA GLN B 96 13.86 -36.65 15.24
C GLN B 96 15.02 -36.96 14.31
N LEU B 97 15.50 -35.93 13.61
CA LEU B 97 16.56 -36.10 12.61
C LEU B 97 17.96 -35.85 13.18
N GLY B 98 18.04 -35.58 14.48
CA GLY B 98 19.31 -35.34 15.14
C GLY B 98 20.11 -34.15 14.64
N LEU B 99 19.38 -33.11 14.22
CA LEU B 99 19.98 -31.86 13.77
C LEU B 99 20.52 -31.00 14.95
N GLY B 100 21.62 -30.29 14.70
CA GLY B 100 22.21 -29.41 15.71
C GLY B 100 21.74 -27.97 15.53
N ARG B 101 22.65 -27.14 15.04
CA ARG B 101 22.32 -25.78 14.60
C ARG B 101 22.32 -25.70 13.08
N VAL B 102 21.17 -25.40 12.50
CA VAL B 102 20.97 -25.43 11.07
C VAL B 102 20.43 -24.10 10.53
N PRO B 103 20.97 -23.64 9.42
CA PRO B 103 20.44 -22.42 8.79
C PRO B 103 19.02 -22.65 8.25
N LEU B 104 18.19 -21.62 8.31
CA LEU B 104 16.81 -21.67 7.81
C LEU B 104 16.57 -20.68 6.69
N VAL B 105 15.91 -21.13 5.64
CA VAL B 105 15.49 -20.25 4.55
C VAL B 105 13.97 -20.24 4.50
N GLY B 106 13.40 -19.08 4.77
CA GLY B 106 11.95 -18.94 4.85
C GLY B 106 11.40 -17.85 3.97
N ASN B 107 10.36 -18.17 3.23
CA ASN B 107 9.70 -17.21 2.38
C ASN B 107 8.37 -16.82 3.00
N SER B 108 8.15 -15.52 3.20
CA SER B 108 6.85 -15.06 3.66
C SER B 108 6.46 -15.68 5.02
N LEU B 109 5.35 -16.40 5.05
CA LEU B 109 4.84 -16.99 6.26
C LEU B 109 5.90 -17.93 6.85
N GLY B 110 6.62 -18.62 5.97
CA GLY B 110 7.72 -19.44 6.38
C GLY B 110 8.81 -18.63 7.05
N GLY B 111 9.05 -17.43 6.55
CA GLY B 111 10.03 -16.54 7.16
C GLY B 111 9.68 -16.28 8.61
N GLY B 112 8.40 -16.04 8.88
CA GLY B 112 7.94 -15.86 10.24
C GLY B 112 8.16 -17.09 11.09
N THR B 113 7.94 -18.27 10.50
CA THR B 113 8.15 -19.52 11.21
C THR B 113 9.64 -19.70 11.52
N ALA B 114 10.48 -19.47 10.51
CA ALA B 114 11.93 -19.55 10.68
C ALA B 114 12.37 -18.63 11.80
N VAL B 115 11.90 -17.38 11.77
CA VAL B 115 12.29 -16.46 12.81
C VAL B 115 11.77 -16.91 14.17
N ARG B 116 10.51 -17.32 14.23
CA ARG B 116 9.89 -17.69 15.52
C ARG B 116 10.64 -18.87 16.14
N PHE B 117 11.05 -19.80 15.28
CA PHE B 117 11.89 -20.92 15.67
C PHE B 117 13.23 -20.44 16.25
N ALA B 118 13.87 -19.49 15.57
CA ALA B 118 15.17 -19.02 16.03
C ALA B 118 15.06 -18.30 17.38
N LEU B 119 13.90 -17.76 17.72
CA LEU B 119 13.76 -17.05 18.99
C LEU B 119 13.42 -18.04 20.11
N ASP B 120 12.68 -19.08 19.75
CA ASP B 120 12.19 -20.05 20.72
C ASP B 120 13.22 -21.15 21.01
N TYR B 121 14.07 -21.44 20.02
CA TYR B 121 15.12 -22.44 20.19
C TYR B 121 16.42 -21.87 19.64
N PRO B 122 17.02 -20.96 20.41
CA PRO B 122 18.17 -20.16 19.95
C PRO B 122 19.29 -21.06 19.49
N ALA B 123 19.48 -22.19 20.16
CA ALA B 123 20.63 -23.03 19.90
C ALA B 123 20.46 -23.88 18.65
N ARG B 124 19.25 -23.90 18.09
CA ARG B 124 18.96 -24.78 16.97
C ARG B 124 19.04 -24.12 15.60
N ALA B 125 19.09 -22.80 15.56
CA ALA B 125 19.09 -22.11 14.27
C ALA B 125 20.35 -21.28 14.04
N GLY B 126 20.97 -21.44 12.87
CA GLY B 126 22.10 -20.61 12.47
C GLY B 126 21.65 -19.45 11.61
N ARG B 127 22.38 -19.22 10.51
CA ARG B 127 22.07 -18.13 9.59
C ARG B 127 20.65 -18.22 9.05
N LEU B 128 19.99 -17.07 8.85
CA LEU B 128 18.66 -17.06 8.26
C LEU B 128 18.68 -16.32 6.93
N VAL B 129 17.95 -16.86 5.96
CA VAL B 129 17.64 -16.15 4.74
C VAL B 129 16.12 -16.02 4.76
N LEU B 130 15.62 -14.80 4.55
CA LEU B 130 14.20 -14.52 4.75
C LEU B 130 13.68 -13.66 3.60
N MET B 131 12.77 -14.19 2.79
CA MET B 131 12.23 -13.42 1.69
C MET B 131 10.87 -12.87 2.05
N GLY B 132 10.78 -11.54 2.08
CA GLY B 132 9.56 -10.85 2.46
C GLY B 132 8.85 -11.47 3.63
N PRO B 133 9.57 -11.66 4.76
CA PRO B 133 8.98 -12.45 5.85
C PRO B 133 7.82 -11.76 6.55
N GLY B 134 6.85 -12.56 7.01
CA GLY B 134 5.78 -12.05 7.86
C GLY B 134 6.34 -12.06 9.25
N GLY B 135 5.61 -11.56 10.23
CA GLY B 135 6.08 -11.64 11.61
C GLY B 135 7.09 -10.57 12.02
N LEU B 136 8.32 -10.66 11.56
CA LEU B 136 9.29 -9.62 11.96
C LEU B 136 9.11 -8.34 11.16
N SER B 137 8.31 -8.39 10.10
CA SER B 137 8.03 -7.19 9.36
C SER B 137 6.92 -6.44 10.06
N ILE B 138 7.04 -5.13 10.08
CA ILE B 138 5.93 -4.30 10.52
C ILE B 138 5.83 -3.11 9.56
N ASN B 139 4.69 -2.98 8.90
CA ASN B 139 4.53 -1.99 7.83
C ASN B 139 4.36 -0.58 8.36
N LEU B 140 5.45 0.17 8.45
CA LEU B 140 5.42 1.51 9.05
C LEU B 140 4.67 2.58 8.28
N PHE B 141 4.49 2.39 6.98
CA PHE B 141 3.85 3.40 6.13
C PHE B 141 2.59 2.85 5.47
N ALA B 142 2.62 1.58 5.08
CA ALA B 142 1.42 0.97 4.49
C ALA B 142 0.38 0.65 5.57
N PRO B 143 -0.86 1.15 5.38
CA PRO B 143 -2.01 0.82 6.23
C PRO B 143 -2.32 -0.67 6.17
N ASP B 144 -2.67 -1.25 7.30
CA ASP B 144 -3.05 -2.66 7.34
C ASP B 144 -4.56 -2.82 7.41
N PRO B 145 -5.12 -3.85 6.74
CA PRO B 145 -4.39 -4.84 5.91
C PRO B 145 -3.94 -4.31 4.56
N THR B 146 -2.81 -4.82 4.09
CA THR B 146 -2.28 -4.45 2.79
C THR B 146 -3.13 -5.04 1.68
N GLU B 147 -2.88 -4.62 0.45
CA GLU B 147 -3.67 -5.03 -0.69
C GLU B 147 -3.57 -6.54 -0.88
N GLY B 148 -2.38 -7.09 -0.73
CA GLY B 148 -2.20 -8.52 -0.86
C GLY B 148 -2.97 -9.29 0.20
N VAL B 149 -2.93 -8.80 1.44
CA VAL B 149 -3.64 -9.43 2.54
C VAL B 149 -5.15 -9.40 2.32
N LYS B 150 -5.65 -8.29 1.79
CA LYS B 150 -7.07 -8.14 1.54
C LYS B 150 -7.56 -9.17 0.54
N ARG B 151 -6.78 -9.39 -0.52
CA ARG B 151 -7.13 -10.36 -1.55
C ARG B 151 -7.19 -11.77 -1.01
N LEU B 152 -6.27 -12.10 -0.11
CA LEU B 152 -6.28 -13.40 0.53
C LEU B 152 -7.55 -13.55 1.34
N SER B 153 -7.92 -12.48 2.05
CA SER B 153 -9.12 -12.48 2.86
C SER B 153 -10.37 -12.66 2.01
N LYS B 154 -10.38 -12.02 0.85
CA LYS B 154 -11.52 -12.13 -0.05
C LYS B 154 -11.68 -13.58 -0.46
N PHE B 155 -10.56 -14.25 -0.68
CA PHE B 155 -10.59 -15.65 -1.06
C PHE B 155 -11.11 -16.58 0.05
N SER B 156 -10.71 -16.32 1.29
CA SER B 156 -11.16 -17.14 2.41
C SER B 156 -12.68 -17.09 2.58
N VAL B 157 -13.26 -15.92 2.30
CA VAL B 157 -14.70 -15.73 2.39
C VAL B 157 -15.45 -16.32 1.17
N ALA B 158 -14.85 -16.14 0.00
CA ALA B 158 -15.46 -16.58 -1.25
C ALA B 158 -14.40 -17.22 -2.13
N PRO B 159 -14.10 -18.51 -1.89
CA PRO B 159 -13.00 -19.18 -2.57
C PRO B 159 -13.30 -19.56 -4.01
N THR B 160 -13.42 -18.57 -4.89
CA THR B 160 -13.69 -18.85 -6.29
C THR B 160 -12.37 -18.82 -7.04
N ARG B 161 -12.38 -19.27 -8.29
CA ARG B 161 -11.18 -19.27 -9.09
C ARG B 161 -10.77 -17.83 -9.43
N GLU B 162 -11.76 -16.95 -9.62
CA GLU B 162 -11.47 -15.54 -9.94
C GLU B 162 -10.72 -14.92 -8.78
N ASN B 163 -11.13 -15.27 -7.56
CA ASN B 163 -10.50 -14.70 -6.38
C ASN B 163 -9.10 -15.23 -6.19
N LEU B 164 -8.88 -16.49 -6.53
CA LEU B 164 -7.54 -17.04 -6.37
C LEU B 164 -6.59 -16.40 -7.39
N GLU B 165 -7.07 -16.24 -8.62
CA GLU B 165 -6.26 -15.65 -9.68
C GLU B 165 -5.88 -14.22 -9.32
N ALA B 166 -6.86 -13.45 -8.85
CA ALA B 166 -6.63 -12.08 -8.40
C ALA B 166 -5.58 -12.01 -7.28
N PHE B 167 -5.58 -12.98 -6.37
CA PHE B 167 -4.58 -13.01 -5.28
C PHE B 167 -3.17 -13.28 -5.78
N LEU B 168 -3.03 -14.28 -6.64
CA LEU B 168 -1.76 -14.63 -7.24
C LEU B 168 -1.23 -13.47 -8.08
N ARG B 169 -2.13 -12.68 -8.66
CA ARG B 169 -1.71 -11.55 -9.48
C ARG B 169 -1.08 -10.41 -8.69
N VAL B 170 -1.45 -10.23 -7.43
CA VAL B 170 -0.72 -9.24 -6.63
C VAL B 170 0.50 -9.85 -5.94
N MET B 171 0.78 -11.12 -6.22
CA MET B 171 1.98 -11.77 -5.70
C MET B 171 3.26 -11.45 -6.51
N VAL B 172 3.09 -11.04 -7.76
CA VAL B 172 4.22 -10.95 -8.66
C VAL B 172 4.26 -9.63 -9.41
N TYR B 173 5.45 -9.21 -9.82
CA TYR B 173 5.60 -8.03 -10.65
C TYR B 173 5.21 -8.33 -12.09
N ASP B 174 5.81 -9.39 -12.65
CA ASP B 174 5.47 -9.84 -14.00
C ASP B 174 4.32 -10.83 -13.90
N LYS B 175 3.13 -10.37 -14.30
CA LYS B 175 1.91 -11.14 -14.19
C LYS B 175 1.86 -12.37 -15.11
N ASN B 176 2.68 -12.39 -16.15
CA ASN B 176 2.71 -13.53 -17.07
C ASN B 176 3.11 -14.82 -16.37
N LEU B 177 3.73 -14.70 -15.20
CA LEU B 177 4.08 -15.86 -14.39
C LEU B 177 2.81 -16.55 -13.91
N ILE B 178 1.71 -15.81 -13.87
CA ILE B 178 0.44 -16.39 -13.45
C ILE B 178 -0.27 -16.98 -14.68
N THR B 179 0.02 -18.25 -14.94
CA THR B 179 -0.54 -18.93 -16.10
C THR B 179 -1.85 -19.60 -15.66
N PRO B 180 -2.77 -19.80 -16.61
CA PRO B 180 -4.02 -20.51 -16.29
C PRO B 180 -3.71 -21.87 -15.67
N GLU B 181 -2.67 -22.53 -16.16
CA GLU B 181 -2.27 -23.83 -15.58
C GLU B 181 -1.93 -23.68 -14.12
N LEU B 182 -1.21 -22.62 -13.77
CA LEU B 182 -0.80 -22.38 -12.39
C LEU B 182 -2.01 -22.09 -11.52
N VAL B 183 -2.93 -21.28 -12.02
CA VAL B 183 -4.15 -20.97 -11.30
C VAL B 183 -4.97 -22.23 -11.09
N ASP B 184 -5.15 -22.99 -12.18
CA ASP B 184 -5.88 -24.24 -12.14
C ASP B 184 -5.22 -25.21 -11.13
N GLN B 185 -3.90 -25.34 -11.16
CA GLN B 185 -3.21 -26.24 -10.24
C GLN B 185 -3.38 -25.80 -8.77
N ARG B 186 -3.25 -24.50 -8.51
CA ARG B 186 -3.43 -24.00 -7.15
C ARG B 186 -4.87 -24.14 -6.71
N PHE B 187 -5.81 -23.82 -7.60
CA PHE B 187 -7.22 -23.87 -7.24
C PHE B 187 -7.68 -25.29 -6.90
N ALA B 188 -7.15 -26.27 -7.63
CA ALA B 188 -7.43 -27.67 -7.33
C ALA B 188 -7.04 -28.04 -5.89
N LEU B 189 -5.84 -27.63 -5.50
CA LEU B 189 -5.32 -27.92 -4.17
C LEU B 189 -6.05 -27.09 -3.12
N ALA B 190 -6.34 -25.84 -3.45
CA ALA B 190 -6.84 -24.88 -2.45
C ALA B 190 -8.33 -25.02 -2.12
N SER B 191 -9.06 -25.66 -3.01
CA SER B 191 -10.50 -25.75 -2.83
C SER B 191 -10.93 -27.06 -2.16
N THR B 192 -9.97 -27.94 -1.84
CA THR B 192 -10.34 -29.15 -1.09
C THR B 192 -10.84 -28.74 0.30
N PRO B 193 -11.82 -29.48 0.82
CA PRO B 193 -12.37 -29.17 2.15
C PRO B 193 -11.28 -29.18 3.21
N GLU B 194 -10.30 -30.06 3.07
CA GLU B 194 -9.19 -30.06 4.01
C GLU B 194 -8.38 -28.75 3.92
N SER B 195 -8.16 -28.23 2.71
CA SER B 195 -7.41 -26.98 2.59
C SER B 195 -8.17 -25.77 3.12
N LEU B 196 -9.47 -25.71 2.83
CA LEU B 196 -10.29 -24.62 3.38
C LEU B 196 -10.45 -24.66 4.90
N THR B 197 -10.38 -25.85 5.50
CA THR B 197 -10.41 -25.97 6.95
C THR B 197 -9.16 -25.32 7.52
N ALA B 198 -8.03 -25.65 6.91
CA ALA B 198 -6.74 -25.11 7.36
C ALA B 198 -6.69 -23.58 7.19
N THR B 199 -7.27 -23.05 6.11
CA THR B 199 -7.34 -21.61 5.89
C THR B 199 -8.18 -20.85 6.95
N ARG B 200 -9.34 -21.39 7.31
CA ARG B 200 -10.13 -20.79 8.38
C ARG B 200 -9.41 -20.92 9.74
N ALA B 201 -8.69 -22.01 9.92
CA ALA B 201 -7.95 -22.26 11.15
C ALA B 201 -6.95 -21.15 11.40
N MET B 202 -6.29 -20.74 10.31
CA MET B 202 -5.31 -19.65 10.34
C MET B 202 -5.94 -18.33 10.74
N GLY B 203 -7.09 -18.04 10.13
CA GLY B 203 -7.84 -16.82 10.42
C GLY B 203 -8.32 -16.74 11.85
N LYS B 204 -8.84 -17.84 12.39
CA LYS B 204 -9.30 -17.85 13.76
C LYS B 204 -8.10 -17.69 14.71
N SER B 205 -6.92 -18.08 14.23
CA SER B 205 -5.70 -18.08 15.05
C SER B 205 -5.23 -16.67 15.40
N PHE B 206 -5.69 -15.70 14.62
CA PHE B 206 -5.38 -14.27 14.82
C PHE B 206 -6.11 -13.66 16.04
N ALA B 207 -7.30 -14.18 16.35
CA ALA B 207 -8.06 -13.72 17.51
C ALA B 207 -7.47 -14.25 18.82
N GLY B 208 -6.39 -15.02 18.70
CA GLY B 208 -5.76 -15.67 19.85
C GLY B 208 -5.18 -14.76 20.91
N ALA B 209 -5.09 -15.29 22.13
CA ALA B 209 -4.50 -14.57 23.26
C ALA B 209 -2.97 -14.55 23.23
N ASP B 210 -2.41 -15.38 22.35
CA ASP B 210 -0.97 -15.48 22.11
C ASP B 210 -0.55 -14.64 20.88
N PHE B 211 -1.31 -13.61 20.55
CA PHE B 211 -1.00 -12.78 19.39
C PHE B 211 0.41 -12.17 19.49
N GLU B 212 0.84 -11.83 20.71
CA GLU B 212 2.14 -11.19 20.94
C GLU B 212 3.28 -12.00 20.32
N ALA B 213 3.11 -13.32 20.23
CA ALA B 213 4.13 -14.18 19.67
C ALA B 213 4.29 -13.99 18.16
N GLY B 214 3.34 -13.27 17.55
CA GLY B 214 3.40 -13.01 16.12
C GLY B 214 4.09 -11.70 15.79
N MET B 215 4.30 -10.87 16.81
CA MET B 215 4.91 -9.55 16.67
C MET B 215 6.43 -9.62 16.90
N MET B 216 7.10 -10.34 16.02
CA MET B 216 8.48 -10.71 16.26
C MET B 216 9.47 -9.54 16.11
N TRP B 217 8.98 -8.44 15.53
CA TRP B 217 9.76 -7.22 15.39
C TRP B 217 10.09 -6.64 16.76
N ARG B 218 9.44 -7.17 17.80
CA ARG B 218 9.76 -6.76 19.16
C ARG B 218 10.93 -7.58 19.73
N GLU B 219 11.34 -8.64 19.03
CA GLU B 219 12.22 -9.63 19.67
C GLU B 219 13.52 -9.90 18.92
N VAL B 220 13.56 -9.59 17.64
CA VAL B 220 14.67 -9.99 16.76
C VAL B 220 15.99 -9.25 17.12
N TYR B 221 15.92 -8.24 17.98
CA TYR B 221 17.15 -7.63 18.48
C TYR B 221 18.01 -8.66 19.26
N ARG B 222 17.39 -9.76 19.67
CA ARG B 222 18.03 -10.85 20.40
C ARG B 222 18.71 -11.86 19.47
N LEU B 223 18.43 -11.81 18.16
CA LEU B 223 19.08 -12.71 17.20
C LEU B 223 20.60 -12.40 17.10
N ARG B 224 21.44 -13.42 17.26
CA ARG B 224 22.89 -13.27 17.20
C ARG B 224 23.52 -13.71 15.86
N GLN B 225 22.79 -14.51 15.07
CA GLN B 225 23.30 -15.00 13.80
C GLN B 225 23.21 -13.94 12.70
N PRO B 226 23.97 -14.11 11.61
CA PRO B 226 23.80 -13.25 10.45
C PRO B 226 22.45 -13.52 9.83
N VAL B 227 21.73 -12.50 9.40
CA VAL B 227 20.43 -12.72 8.79
C VAL B 227 20.42 -11.98 7.46
N LEU B 228 20.07 -12.68 6.39
CA LEU B 228 19.89 -12.05 5.09
C LEU B 228 18.42 -11.84 4.81
N LEU B 229 18.00 -10.58 4.75
CA LEU B 229 16.63 -10.24 4.35
C LEU B 229 16.59 -9.97 2.85
N ILE B 230 15.70 -10.66 2.13
CA ILE B 230 15.54 -10.42 0.71
C ILE B 230 14.13 -9.94 0.43
N TRP B 231 14.03 -8.89 -0.35
CA TRP B 231 12.76 -8.23 -0.55
C TRP B 231 12.61 -7.78 -1.98
N GLY B 232 11.39 -7.85 -2.50
CA GLY B 232 11.09 -7.29 -3.80
C GLY B 232 10.51 -5.91 -3.64
N ARG B 233 11.00 -4.91 -4.36
CA ARG B 233 10.55 -3.53 -4.21
C ARG B 233 9.04 -3.34 -4.42
N GLU B 234 8.44 -4.16 -5.29
CA GLU B 234 7.00 -4.04 -5.59
C GLU B 234 6.15 -5.09 -4.84
N ASP B 235 6.64 -5.55 -3.70
CA ASP B 235 5.92 -6.52 -2.86
C ASP B 235 4.66 -5.82 -2.31
N ARG B 236 3.50 -6.37 -2.62
CA ARG B 236 2.23 -5.76 -2.23
C ARG B 236 1.59 -6.52 -1.06
N VAL B 237 2.28 -7.53 -0.54
CA VAL B 237 1.78 -8.28 0.63
C VAL B 237 2.45 -7.82 1.90
N ASN B 238 3.76 -7.97 1.92
CA ASN B 238 4.59 -7.41 2.97
C ASN B 238 5.46 -6.37 2.31
N PRO B 239 5.00 -5.12 2.29
CA PRO B 239 5.74 -4.08 1.56
C PRO B 239 7.15 -3.82 2.14
N LEU B 240 7.97 -3.14 1.36
CA LEU B 240 9.36 -2.90 1.70
C LEU B 240 9.55 -2.14 3.03
N ASP B 241 8.64 -1.23 3.38
CA ASP B 241 8.71 -0.54 4.68
C ASP B 241 8.67 -1.49 5.88
N GLY B 242 8.22 -2.73 5.65
CA GLY B 242 8.20 -3.70 6.72
C GLY B 242 9.56 -4.22 7.16
N ALA B 243 10.61 -3.94 6.36
CA ALA B 243 11.96 -4.48 6.60
C ALA B 243 12.81 -3.67 7.60
N LEU B 244 12.39 -2.43 7.86
CA LEU B 244 13.21 -1.43 8.55
C LEU B 244 13.52 -1.81 9.97
N VAL B 245 12.50 -2.25 10.72
CA VAL B 245 12.76 -2.61 12.12
C VAL B 245 13.76 -3.77 12.26
N ALA B 246 13.59 -4.82 11.46
CA ALA B 246 14.49 -5.96 11.51
C ALA B 246 15.90 -5.56 11.07
N LEU B 247 15.98 -4.82 9.97
CA LEU B 247 17.27 -4.39 9.42
C LEU B 247 18.03 -3.60 10.45
N LYS B 248 17.32 -2.76 11.21
CA LYS B 248 17.94 -1.95 12.25
C LYS B 248 18.31 -2.73 13.52
N THR B 249 17.44 -3.62 13.97
CA THR B 249 17.61 -4.19 15.31
C THR B 249 18.36 -5.54 15.34
N ILE B 250 18.42 -6.25 14.21
CA ILE B 250 19.20 -7.49 14.12
C ILE B 250 20.65 -7.11 13.86
N PRO B 251 21.54 -7.32 14.86
CA PRO B 251 22.93 -6.84 14.78
C PRO B 251 23.68 -7.24 13.51
N ARG B 252 23.60 -8.49 13.10
CA ARG B 252 24.33 -8.91 11.91
C ARG B 252 23.42 -9.08 10.71
N ALA B 253 22.54 -8.11 10.49
CA ALA B 253 21.60 -8.16 9.38
C ALA B 253 22.24 -7.68 8.08
N GLN B 254 21.65 -8.08 6.97
CA GLN B 254 21.97 -7.58 5.65
C GLN B 254 20.63 -7.55 4.91
N LEU B 255 20.45 -6.64 3.95
CA LEU B 255 19.22 -6.54 3.18
C LEU B 255 19.51 -6.51 1.71
N HIS B 256 18.81 -7.31 0.92
CA HIS B 256 18.88 -7.15 -0.53
C HIS B 256 17.50 -6.86 -1.13
N VAL B 257 17.40 -5.81 -1.94
CA VAL B 257 16.11 -5.45 -2.54
C VAL B 257 16.21 -5.53 -4.05
N PHE B 258 15.25 -6.19 -4.67
CA PHE B 258 15.19 -6.28 -6.13
C PHE B 258 14.08 -5.36 -6.64
N GLY B 259 14.39 -4.52 -7.61
CA GLY B 259 13.36 -3.72 -8.28
C GLY B 259 12.73 -4.63 -9.31
N GLN B 260 11.51 -4.32 -9.73
CA GLN B 260 10.83 -5.18 -10.70
C GLN B 260 10.72 -6.64 -10.21
N CYS B 261 10.30 -6.75 -8.96
CA CYS B 261 10.11 -8.01 -8.29
C CYS B 261 9.04 -7.80 -7.22
N GLY B 262 8.15 -8.78 -7.08
CA GLY B 262 7.10 -8.73 -6.09
C GLY B 262 7.38 -9.62 -4.88
N HIS B 263 6.30 -10.15 -4.30
CA HIS B 263 6.36 -11.01 -3.13
C HIS B 263 7.11 -12.33 -3.33
N TRP B 264 7.07 -12.87 -4.55
CA TRP B 264 7.68 -14.17 -4.85
C TRP B 264 9.10 -14.02 -5.39
N VAL B 265 10.01 -13.66 -4.50
CA VAL B 265 11.39 -13.39 -4.87
C VAL B 265 12.06 -14.62 -5.48
N GLN B 266 11.87 -15.77 -4.84
CA GLN B 266 12.57 -17.02 -5.20
C GLN B 266 12.14 -17.57 -6.57
N VAL B 267 11.06 -17.03 -7.13
CA VAL B 267 10.56 -17.43 -8.45
C VAL B 267 10.97 -16.39 -9.50
N GLU B 268 10.60 -15.13 -9.25
CA GLU B 268 10.81 -14.01 -10.17
C GLU B 268 12.27 -13.63 -10.35
N LYS B 269 13.08 -13.89 -9.35
CA LYS B 269 14.50 -13.63 -9.44
C LYS B 269 15.19 -14.87 -8.97
N PHE B 270 14.76 -16.02 -9.50
CA PHE B 270 15.25 -17.30 -8.99
C PHE B 270 16.76 -17.38 -9.08
N ASP B 271 17.32 -16.93 -10.20
CA ASP B 271 18.76 -17.04 -10.37
C ASP B 271 19.55 -16.22 -9.35
N GLU B 272 19.26 -14.92 -9.26
CA GLU B 272 19.93 -14.03 -8.31
C GLU B 272 19.69 -14.50 -6.87
N PHE B 273 18.50 -15.01 -6.59
CA PHE B 273 18.20 -15.51 -5.25
C PHE B 273 19.03 -16.75 -4.92
N ASN B 274 19.17 -17.65 -5.88
CA ASN B 274 19.93 -18.89 -5.64
C ASN B 274 21.38 -18.55 -5.31
N LYS B 275 21.99 -17.68 -6.11
CA LYS B 275 23.39 -17.32 -5.92
C LYS B 275 23.56 -16.56 -4.59
N LEU B 276 22.62 -15.67 -4.30
CA LEU B 276 22.68 -14.90 -3.07
C LEU B 276 22.59 -15.84 -1.87
N THR B 277 21.71 -16.82 -1.96
CA THR B 277 21.52 -17.78 -0.86
C THR B 277 22.74 -18.67 -0.66
N ILE B 278 23.21 -19.28 -1.75
CA ILE B 278 24.36 -20.18 -1.67
C ILE B 278 25.55 -19.48 -1.06
N GLU B 279 25.86 -18.28 -1.54
CA GLU B 279 27.03 -17.57 -1.03
C GLU B 279 26.84 -17.19 0.42
N PHE B 280 25.66 -16.67 0.76
CA PHE B 280 25.42 -16.26 2.14
C PHE B 280 25.53 -17.43 3.13
N LEU B 281 25.17 -18.62 2.68
CA LEU B 281 25.21 -19.81 3.55
C LEU B 281 26.56 -20.57 3.55
N GLY B 282 27.58 -19.99 2.91
CA GLY B 282 28.94 -20.51 3.01
C GLY B 282 29.42 -21.40 1.86
N GLY B 283 28.74 -21.34 0.73
CA GLY B 283 29.15 -22.05 -0.46
C GLY B 283 28.85 -23.54 -0.41
N GLY B 284 28.66 -24.07 0.80
CA GLY B 284 28.36 -25.48 1.01
C GLY B 284 29.43 -26.42 0.46
#